data_7QNQ
#
_entry.id   7QNQ
#
_cell.length_a   137.854
_cell.length_b   137.854
_cell.length_c   121.709
_cell.angle_alpha   90.000
_cell.angle_beta   90.000
_cell.angle_gamma   90.000
#
_symmetry.space_group_name_H-M   'P 43 21 2'
#
loop_
_entity.id
_entity.type
_entity.pdbx_description
1 polymer 'Auxiliary relaxosome protein'
2 non-polymer 'CHLORIDE ION'
3 non-polymer 'MAGNESIUM ION'
4 water water
#
_entity_poly.entity_id   1
_entity_poly.type   'polypeptide(L)'
_entity_poly.pdbx_seq_one_letter_code
;GPMAKVKKHLTFSGPTESPYGIAYIEKEMKAKNCSKMNETIELIFAEHDEMKARLSEQDALVEKIFQRFKKTLDVIRVRA
GHTDKNAQINLELWNAFLMANPLPVTVLTDQHTSESVSMAKEKVSNDIATFKQRKDEQKAKQEMQKGEK
;
_entity_poly.pdbx_strand_id   A,B,C,D,E,F,G,H
#
# COMPACT_ATOMS: atom_id res chain seq x y z
N LEU A 55 -53.74 10.72 32.90
CA LEU A 55 -54.76 10.89 33.92
C LEU A 55 -55.60 9.64 34.08
N SER A 56 -56.05 9.08 32.96
CA SER A 56 -56.92 7.91 33.01
C SER A 56 -56.16 6.69 33.52
N GLU A 57 -56.92 5.72 34.05
CA GLU A 57 -56.30 4.51 34.59
C GLU A 57 -55.66 3.67 33.50
N GLN A 58 -56.23 3.65 32.30
CA GLN A 58 -55.61 2.93 31.20
C GLN A 58 -54.29 3.56 30.79
N ASP A 59 -54.25 4.89 30.72
CA ASP A 59 -53.03 5.59 30.36
C ASP A 59 -51.95 5.38 31.43
N ALA A 60 -52.35 5.37 32.70
CA ALA A 60 -51.41 5.11 33.78
C ALA A 60 -50.80 3.73 33.66
N LEU A 61 -51.60 2.73 33.25
CA LEU A 61 -51.06 1.40 33.02
C LEU A 61 -50.10 1.39 31.83
N VAL A 62 -50.46 2.06 30.74
CA VAL A 62 -49.60 2.13 29.57
C VAL A 62 -48.26 2.76 29.93
N GLU A 63 -48.28 3.86 30.70
CA GLU A 63 -47.05 4.50 31.13
C GLU A 63 -46.22 3.58 32.01
N LYS A 64 -46.89 2.84 32.89
CA LYS A 64 -46.19 1.90 33.76
C LYS A 64 -45.50 0.80 32.95
N ILE A 65 -46.18 0.30 31.92
CA ILE A 65 -45.58 -0.72 31.06
C ILE A 65 -44.34 -0.18 30.37
N PHE A 66 -44.42 1.05 29.84
CA PHE A 66 -43.26 1.65 29.19
C PHE A 66 -42.11 1.81 30.16
N GLN A 67 -42.40 2.28 31.39
CA GLN A 67 -41.33 2.49 32.37
C GLN A 67 -40.65 1.18 32.72
N ARG A 68 -41.38 0.06 32.71
CA ARG A 68 -40.74 -1.22 32.96
C ARG A 68 -39.76 -1.58 31.85
N PHE A 69 -40.03 -1.16 30.61
CA PHE A 69 -39.16 -1.44 29.47
C PHE A 69 -38.08 -0.38 29.27
N LYS A 70 -38.21 0.79 29.91
CA LYS A 70 -37.40 1.95 29.55
C LYS A 70 -35.91 1.67 29.64
N LYS A 71 -35.49 1.00 30.72
CA LYS A 71 -34.06 0.76 30.92
C LYS A 71 -33.48 -0.08 29.79
N THR A 72 -34.19 -1.14 29.41
CA THR A 72 -33.73 -2.00 28.32
C THR A 72 -33.73 -1.26 26.99
N LEU A 73 -34.80 -0.52 26.71
CA LEU A 73 -34.89 0.21 25.44
C LEU A 73 -33.86 1.32 25.38
N ASP A 74 -33.55 1.95 26.51
CA ASP A 74 -32.53 2.99 26.54
C ASP A 74 -31.17 2.42 26.17
N VAL A 75 -30.81 1.25 26.71
CA VAL A 75 -29.53 0.63 26.40
C VAL A 75 -29.43 0.34 24.90
N ILE A 76 -30.48 -0.24 24.34
CA ILE A 76 -30.48 -0.58 22.92
C ILE A 76 -30.39 0.69 22.07
N ARG A 77 -31.21 1.69 22.41
CA ARG A 77 -31.28 2.91 21.62
C ARG A 77 -29.96 3.69 21.65
N VAL A 78 -29.39 3.86 22.85
CA VAL A 78 -28.15 4.62 22.96
C VAL A 78 -27.02 3.92 22.22
N ARG A 79 -26.93 2.59 22.39
CA ARG A 79 -25.89 1.85 21.70
C ARG A 79 -26.09 1.90 20.19
N ALA A 80 -27.34 1.80 19.72
CA ALA A 80 -27.58 1.93 18.28
C ALA A 80 -27.12 3.29 17.76
N GLY A 81 -27.26 4.34 18.58
CA GLY A 81 -26.76 5.64 18.19
C GLY A 81 -25.25 5.69 18.04
N HIS A 82 -24.53 5.09 19.00
CA HIS A 82 -23.07 5.07 18.91
C HIS A 82 -22.60 4.23 17.72
N THR A 83 -23.26 3.10 17.48
CA THR A 83 -22.88 2.24 16.34
C THR A 83 -23.13 2.95 15.02
N ASP A 84 -24.26 3.64 14.91
CA ASP A 84 -24.60 4.40 13.70
C ASP A 84 -23.56 5.48 13.44
N LYS A 85 -23.18 6.21 14.49
CA LYS A 85 -22.14 7.22 14.35
C LYS A 85 -20.83 6.59 13.89
N ASN A 86 -20.44 5.46 14.50
CA ASN A 86 -19.17 4.84 14.12
C ASN A 86 -19.22 4.27 12.71
N ALA A 87 -20.38 3.77 12.28
CA ALA A 87 -20.50 3.29 10.90
C ALA A 87 -20.33 4.43 9.91
N GLN A 88 -20.83 5.62 10.25
CA GLN A 88 -20.66 6.79 9.39
C GLN A 88 -19.20 7.23 9.33
N ILE A 89 -18.51 7.19 10.47
CA ILE A 89 -17.08 7.49 10.49
C ILE A 89 -16.30 6.49 9.64
N ASN A 90 -16.67 5.21 9.72
CA ASN A 90 -16.00 4.17 8.92
C ASN A 90 -16.10 4.49 7.43
N LEU A 91 -17.27 4.93 6.98
CA LEU A 91 -17.43 5.23 5.56
C LEU A 91 -16.62 6.46 5.16
N GLU A 92 -16.54 7.47 6.04
CA GLU A 92 -15.71 8.64 5.74
C GLU A 92 -14.24 8.26 5.65
N LEU A 93 -13.79 7.33 6.49
CA LEU A 93 -12.41 6.87 6.45
C LEU A 93 -12.14 6.06 5.18
N TRP A 94 -13.09 5.18 4.80
CA TRP A 94 -12.97 4.55 3.48
C TRP A 94 -12.85 5.59 2.37
N ASN A 95 -13.68 6.64 2.42
CA ASN A 95 -13.61 7.66 1.36
C ASN A 95 -12.25 8.31 1.30
N ALA A 96 -11.73 8.78 2.43
CA ALA A 96 -10.43 9.43 2.44
C ALA A 96 -9.32 8.48 2.00
N PHE A 97 -9.39 7.22 2.45
CA PHE A 97 -8.35 6.25 2.09
C PHE A 97 -8.34 6.00 0.59
N LEU A 98 -9.52 5.82 0.00
CA LEU A 98 -9.61 5.52 -1.43
C LEU A 98 -9.35 6.75 -2.29
N MET A 99 -9.65 7.94 -1.77
CA MET A 99 -9.25 9.13 -2.51
C MET A 99 -7.73 9.24 -2.57
N ALA A 100 -7.06 8.90 -1.47
CA ALA A 100 -5.60 8.96 -1.44
C ALA A 100 -4.95 7.76 -2.12
N ASN A 101 -5.66 6.63 -2.22
CA ASN A 101 -5.13 5.39 -2.79
C ASN A 101 -6.17 4.83 -3.73
N PRO A 102 -6.40 5.45 -4.88
CA PRO A 102 -7.53 5.07 -5.73
C PRO A 102 -7.37 3.70 -6.36
N LEU A 103 -8.52 3.09 -6.70
CA LEU A 103 -8.59 1.79 -7.36
C LEU A 103 -8.71 1.98 -8.86
N PRO A 104 -7.87 1.33 -9.67
CA PRO A 104 -8.03 1.45 -11.13
C PRO A 104 -9.40 1.02 -11.61
N VAL A 105 -9.93 -0.06 -11.05
CA VAL A 105 -11.30 -0.48 -11.29
C VAL A 105 -11.89 -0.87 -9.95
N THR A 106 -13.21 -0.70 -9.81
CA THR A 106 -13.93 -1.04 -8.59
C THR A 106 -14.76 -2.28 -8.85
N VAL A 107 -14.31 -3.43 -8.33
CA VAL A 107 -14.94 -4.71 -8.56
C VAL A 107 -15.80 -5.05 -7.34
N LEU A 108 -17.11 -5.07 -7.54
CA LEU A 108 -18.05 -5.37 -6.48
C LEU A 108 -18.42 -6.85 -6.49
N THR A 109 -19.07 -7.31 -5.42
CA THR A 109 -19.25 -8.75 -5.23
C THR A 109 -20.14 -9.38 -6.28
N ASP A 110 -21.09 -8.62 -6.85
CA ASP A 110 -21.91 -9.20 -7.91
C ASP A 110 -21.11 -9.44 -9.19
N GLN A 111 -20.04 -8.65 -9.43
CA GLN A 111 -19.17 -8.94 -10.57
C GLN A 111 -18.19 -10.07 -10.24
N HIS A 112 -17.46 -9.94 -9.13
CA HIS A 112 -16.56 -11.00 -8.68
C HIS A 112 -16.29 -10.81 -7.20
N THR A 113 -16.44 -11.87 -6.43
CA THR A 113 -16.19 -11.84 -4.99
C THR A 113 -14.76 -12.29 -4.74
N SER A 114 -13.99 -11.44 -4.08
CA SER A 114 -12.61 -11.79 -3.73
C SER A 114 -12.59 -13.08 -2.92
N GLU A 115 -11.60 -13.94 -3.20
CA GLU A 115 -11.46 -15.15 -2.40
C GLU A 115 -11.27 -14.83 -0.93
N SER A 116 -10.64 -13.69 -0.58
CA SER A 116 -10.50 -13.32 0.82
C SER A 116 -11.86 -13.07 1.46
N VAL A 117 -12.76 -12.41 0.74
CA VAL A 117 -14.09 -12.16 1.26
C VAL A 117 -14.86 -13.47 1.37
N SER A 118 -14.77 -14.34 0.37
CA SER A 118 -15.44 -15.64 0.44
C SER A 118 -14.96 -16.44 1.63
N MET A 119 -13.65 -16.49 1.84
CA MET A 119 -13.12 -17.24 2.98
C MET A 119 -13.60 -16.65 4.31
N ALA A 120 -13.59 -15.32 4.42
CA ALA A 120 -14.04 -14.69 5.65
C ALA A 120 -15.51 -14.97 5.91
N LYS A 121 -16.35 -14.88 4.86
CA LYS A 121 -17.77 -15.18 5.01
C LYS A 121 -17.99 -16.62 5.45
N GLU A 122 -17.24 -17.56 4.87
CA GLU A 122 -17.43 -18.96 5.22
C GLU A 122 -17.00 -19.24 6.66
N LYS A 123 -15.91 -18.62 7.12
CA LYS A 123 -15.52 -18.79 8.51
C LYS A 123 -16.58 -18.25 9.46
N VAL A 124 -17.06 -17.02 9.23
CA VAL A 124 -18.03 -16.45 10.15
C VAL A 124 -19.33 -17.23 10.10
N SER A 125 -19.73 -17.70 8.92
CA SER A 125 -20.92 -18.55 8.82
C SER A 125 -20.77 -19.79 9.67
N ASN A 126 -19.59 -20.42 9.63
N ASN A 126 -19.60 -20.42 9.65
CA ASN A 126 -19.36 -21.61 10.46
CA ASN A 126 -19.37 -21.61 10.46
C ASN A 126 -19.33 -21.25 11.94
C ASN A 126 -19.33 -21.26 11.94
N ASP A 127 -18.78 -20.08 12.28
CA ASP A 127 -18.81 -19.62 13.67
C ASP A 127 -20.23 -19.51 14.17
N ILE A 128 -21.11 -18.86 13.39
CA ILE A 128 -22.49 -18.65 13.81
C ILE A 128 -23.23 -19.98 13.91
N ALA A 129 -22.99 -20.89 12.95
CA ALA A 129 -23.58 -22.22 13.02
C ALA A 129 -23.01 -23.00 14.20
N THR A 130 -21.76 -22.71 14.58
CA THR A 130 -21.01 -23.37 15.66
C THR A 130 -20.78 -24.83 15.31
N GLU B 57 -50.76 -7.34 41.71
CA GLU B 57 -51.96 -7.10 40.90
C GLU B 57 -51.59 -6.52 39.52
N GLN B 58 -51.62 -5.18 39.43
CA GLN B 58 -51.21 -4.50 38.21
C GLN B 58 -49.73 -4.75 37.92
N ASP B 59 -48.89 -4.70 38.95
CA ASP B 59 -47.47 -4.89 38.76
C ASP B 59 -47.15 -6.30 38.28
N ALA B 60 -47.89 -7.30 38.77
CA ALA B 60 -47.71 -8.67 38.30
C ALA B 60 -47.99 -8.79 36.81
N LEU B 61 -48.99 -8.06 36.31
CA LEU B 61 -49.27 -8.06 34.89
C LEU B 61 -48.14 -7.40 34.11
N VAL B 62 -47.65 -6.26 34.60
CA VAL B 62 -46.55 -5.56 33.95
C VAL B 62 -45.30 -6.44 33.89
N GLU B 63 -44.99 -7.12 35.00
CA GLU B 63 -43.84 -8.02 35.02
C GLU B 63 -44.03 -9.18 34.05
N LYS B 64 -45.24 -9.70 33.96
CA LYS B 64 -45.52 -10.78 33.00
C LYS B 64 -45.30 -10.30 31.57
N ILE B 65 -45.70 -9.07 31.26
CA ILE B 65 -45.51 -8.54 29.91
C ILE B 65 -44.02 -8.46 29.59
N PHE B 66 -43.23 -7.91 30.50
CA PHE B 66 -41.80 -7.77 30.24
C PHE B 66 -41.14 -9.13 30.04
N GLN B 67 -41.50 -10.10 30.89
CA GLN B 67 -40.91 -11.44 30.78
C GLN B 67 -41.24 -12.10 29.45
N ARG B 68 -42.43 -11.81 28.89
CA ARG B 68 -42.77 -12.35 27.57
C ARG B 68 -41.85 -11.79 26.49
N PHE B 69 -41.40 -10.55 26.64
CA PHE B 69 -40.54 -9.89 25.67
C PHE B 69 -39.05 -10.13 25.90
N LYS B 70 -38.66 -10.65 27.07
CA LYS B 70 -37.26 -10.63 27.50
C LYS B 70 -36.35 -11.34 26.51
N LYS B 71 -36.74 -12.54 26.07
CA LYS B 71 -35.85 -13.32 25.20
C LYS B 71 -35.60 -12.58 23.88
N THR B 72 -36.64 -12.00 23.30
CA THR B 72 -36.46 -11.23 22.07
C THR B 72 -35.60 -10.00 22.32
N LEU B 73 -35.84 -9.29 23.42
CA LEU B 73 -35.05 -8.10 23.71
C LEU B 73 -33.60 -8.46 24.02
N ASP B 74 -33.39 -9.60 24.67
CA ASP B 74 -32.03 -10.06 24.95
C ASP B 74 -31.27 -10.31 23.66
N VAL B 75 -31.91 -11.00 22.70
CA VAL B 75 -31.25 -11.30 21.43
C VAL B 75 -30.86 -10.01 20.71
N ILE B 76 -31.78 -9.05 20.66
CA ILE B 76 -31.50 -7.76 20.02
C ILE B 76 -30.38 -7.04 20.76
N ARG B 77 -30.47 -7.00 22.08
CA ARG B 77 -29.49 -6.27 22.88
C ARG B 77 -28.09 -6.87 22.74
N VAL B 78 -27.99 -8.20 22.77
CA VAL B 78 -26.68 -8.85 22.67
C VAL B 78 -26.08 -8.63 21.29
N ARG B 79 -26.88 -8.77 20.23
CA ARG B 79 -26.34 -8.57 18.88
C ARG B 79 -25.88 -7.13 18.68
N ALA B 80 -26.71 -6.17 19.10
CA ALA B 80 -26.32 -4.76 19.00
C ALA B 80 -25.08 -4.46 19.84
N GLY B 81 -24.95 -5.11 21.00
CA GLY B 81 -23.79 -4.88 21.85
C GLY B 81 -22.49 -5.34 21.21
N HIS B 82 -22.48 -6.54 20.64
CA HIS B 82 -21.28 -7.00 19.96
C HIS B 82 -21.00 -6.19 18.71
N THR B 83 -22.04 -5.76 18.01
CA THR B 83 -21.82 -4.90 16.84
C THR B 83 -21.15 -3.60 17.23
N ASP B 84 -21.60 -2.99 18.33
CA ASP B 84 -21.01 -1.75 18.81
C ASP B 84 -19.56 -1.96 19.21
N LYS B 85 -19.29 -3.06 19.90
CA LYS B 85 -17.92 -3.39 20.29
C LYS B 85 -17.03 -3.53 19.05
N ASN B 86 -17.51 -4.27 18.04
CA ASN B 86 -16.71 -4.48 16.84
C ASN B 86 -16.53 -3.19 16.05
N ALA B 87 -17.53 -2.31 16.05
CA ALA B 87 -17.37 -1.02 15.41
C ALA B 87 -16.30 -0.19 16.10
N GLN B 88 -16.19 -0.29 17.43
CA GLN B 88 -15.12 0.41 18.12
C GLN B 88 -13.76 -0.17 17.77
N ILE B 89 -13.66 -1.51 17.67
CA ILE B 89 -12.42 -2.14 17.24
C ILE B 89 -12.04 -1.70 15.84
N ASN B 90 -13.04 -1.61 14.95
CA ASN B 90 -12.80 -1.21 13.57
C ASN B 90 -12.16 0.17 13.50
N LEU B 91 -12.61 1.10 14.34
CA LEU B 91 -12.05 2.45 14.32
CA LEU B 91 -12.05 2.45 14.33
C LEU B 91 -10.62 2.46 14.86
N GLU B 92 -10.33 1.65 15.88
CA GLU B 92 -8.96 1.58 16.38
C GLU B 92 -8.02 1.02 15.32
N LEU B 93 -8.50 0.03 14.55
CA LEU B 93 -7.67 -0.51 13.48
C LEU B 93 -7.47 0.50 12.37
N TRP B 94 -8.53 1.26 12.01
CA TRP B 94 -8.33 2.38 11.09
C TRP B 94 -7.26 3.33 11.61
N ASN B 95 -7.32 3.67 12.91
CA ASN B 95 -6.33 4.59 13.46
C ASN B 95 -4.92 4.04 13.31
N ALA B 96 -4.71 2.79 13.71
CA ALA B 96 -3.38 2.19 13.62
C ALA B 96 -2.93 2.09 12.18
N PHE B 97 -3.84 1.73 11.28
CA PHE B 97 -3.49 1.60 9.87
C PHE B 97 -3.08 2.95 9.28
N LEU B 98 -3.86 4.00 9.57
CA LEU B 98 -3.57 5.32 9.02
C LEU B 98 -2.39 6.00 9.71
N MET B 99 -2.12 5.67 10.98
CA MET B 99 -0.87 6.14 11.58
C MET B 99 0.33 5.51 10.89
N ALA B 100 0.23 4.24 10.52
CA ALA B 100 1.33 3.57 9.83
C ALA B 100 1.40 3.90 8.35
N ASN B 101 0.28 4.31 7.75
CA ASN B 101 0.17 4.58 6.32
C ASN B 101 -0.60 5.89 6.14
N PRO B 102 0.02 7.02 6.48
CA PRO B 102 -0.73 8.29 6.53
C PRO B 102 -1.15 8.76 5.15
N LEU B 103 -2.22 9.58 5.15
CA LEU B 103 -2.76 10.18 3.94
C LEU B 103 -2.22 11.59 3.81
N PRO B 104 -1.66 11.97 2.66
CA PRO B 104 -1.19 13.35 2.50
C PRO B 104 -2.30 14.38 2.71
N VAL B 105 -3.50 14.09 2.21
CA VAL B 105 -4.68 14.92 2.48
C VAL B 105 -5.83 13.97 2.80
N THR B 106 -6.76 14.43 3.64
CA THR B 106 -7.91 13.65 4.05
C THR B 106 -9.15 14.23 3.38
N VAL B 107 -9.65 13.54 2.36
CA VAL B 107 -10.78 14.03 1.57
C VAL B 107 -12.04 13.31 2.05
N LEU B 108 -12.94 14.07 2.67
CA LEU B 108 -14.20 13.54 3.19
C LEU B 108 -15.31 13.69 2.14
N THR B 109 -16.44 13.00 2.38
CA THR B 109 -17.45 12.88 1.33
C THR B 109 -18.11 14.22 1.00
N ASP B 110 -18.16 15.17 1.93
CA ASP B 110 -18.70 16.48 1.61
C ASP B 110 -17.80 17.27 0.67
N GLN B 111 -16.49 17.01 0.68
CA GLN B 111 -15.60 17.63 -0.30
C GLN B 111 -15.65 16.88 -1.64
N HIS B 112 -15.44 15.57 -1.61
CA HIS B 112 -15.52 14.76 -2.82
C HIS B 112 -15.75 13.31 -2.42
N THR B 113 -16.75 12.68 -3.04
CA THR B 113 -17.06 11.27 -2.78
C THR B 113 -16.32 10.43 -3.81
N SER B 114 -15.50 9.50 -3.34
CA SER B 114 -14.77 8.61 -4.23
C SER B 114 -15.74 7.86 -5.13
N GLU B 115 -15.37 7.70 -6.41
CA GLU B 115 -16.20 6.92 -7.31
C GLU B 115 -16.40 5.50 -6.80
N SER B 116 -15.40 4.94 -6.12
CA SER B 116 -15.57 3.60 -5.54
C SER B 116 -16.66 3.58 -4.48
N VAL B 117 -16.71 4.63 -3.64
CA VAL B 117 -17.76 4.71 -2.61
C VAL B 117 -19.13 4.87 -3.25
N SER B 118 -19.23 5.73 -4.28
CA SER B 118 -20.50 5.91 -4.98
C SER B 118 -20.98 4.60 -5.59
N MET B 119 -20.09 3.87 -6.25
CA MET B 119 -20.49 2.60 -6.86
C MET B 119 -20.94 1.60 -5.79
N ALA B 120 -20.23 1.54 -4.65
CA ALA B 120 -20.63 0.63 -3.59
C ALA B 120 -21.99 1.00 -3.01
N LYS B 121 -22.23 2.31 -2.79
CA LYS B 121 -23.51 2.77 -2.29
C LYS B 121 -24.65 2.42 -3.24
N GLU B 122 -24.44 2.65 -4.54
CA GLU B 122 -25.48 2.36 -5.52
C GLU B 122 -25.81 0.86 -5.54
N LYS B 123 -24.78 0.03 -5.53
CA LYS B 123 -24.99 -1.42 -5.54
C LYS B 123 -25.77 -1.87 -4.31
N VAL B 124 -25.37 -1.38 -3.12
CA VAL B 124 -26.05 -1.79 -1.89
C VAL B 124 -27.49 -1.28 -1.89
N SER B 125 -27.72 -0.08 -2.41
CA SER B 125 -29.10 0.42 -2.53
C SER B 125 -29.96 -0.49 -3.39
N ASN B 126 -29.39 -1.01 -4.49
CA ASN B 126 -30.12 -1.96 -5.32
C ASN B 126 -30.35 -3.29 -4.61
N ASP B 127 -29.35 -3.75 -3.84
CA ASP B 127 -29.50 -4.96 -3.04
C ASP B 127 -30.64 -4.83 -2.04
N ILE B 128 -30.66 -3.73 -1.28
CA ILE B 128 -31.68 -3.56 -0.25
C ILE B 128 -33.06 -3.44 -0.87
N ALA B 129 -33.17 -2.81 -2.04
CA ALA B 129 -34.45 -2.67 -2.72
C ALA B 129 -35.00 -4.01 -3.22
N THR B 130 -34.13 -4.93 -3.61
CA THR B 130 -34.55 -6.21 -4.17
C THR B 130 -34.48 -7.37 -3.18
N PHE B 131 -33.66 -7.26 -2.14
CA PHE B 131 -33.60 -8.27 -1.09
C PHE B 131 -34.81 -8.14 -0.17
N SER C 56 -55.14 -17.52 33.24
CA SER C 56 -54.93 -17.58 31.80
C SER C 56 -55.48 -16.34 31.10
N GLU C 57 -56.33 -15.58 31.81
CA GLU C 57 -56.88 -14.36 31.23
C GLU C 57 -55.80 -13.33 30.98
N GLN C 58 -54.88 -13.17 31.94
CA GLN C 58 -53.75 -12.27 31.75
C GLN C 58 -52.84 -12.75 30.64
N ASP C 59 -52.59 -14.07 30.59
CA ASP C 59 -51.69 -14.63 29.59
C ASP C 59 -52.20 -14.39 28.17
N ALA C 60 -53.52 -14.48 27.96
CA ALA C 60 -54.07 -14.19 26.64
C ALA C 60 -53.82 -12.74 26.24
N LEU C 61 -53.94 -11.82 27.20
CA LEU C 61 -53.64 -10.42 26.92
C LEU C 61 -52.14 -10.22 26.68
N VAL C 62 -51.30 -10.84 27.53
CA VAL C 62 -49.85 -10.72 27.36
C VAL C 62 -49.44 -11.24 25.99
N GLU C 63 -50.02 -12.36 25.56
CA GLU C 63 -49.71 -12.89 24.24
C GLU C 63 -50.18 -11.94 23.15
N LYS C 64 -51.33 -11.29 23.33
CA LYS C 64 -51.79 -10.32 22.34
C LYS C 64 -50.84 -9.15 22.22
N ILE C 65 -50.31 -8.66 23.34
CA ILE C 65 -49.38 -7.53 23.29
C ILE C 65 -48.14 -7.89 22.49
N PHE C 66 -47.57 -9.08 22.76
CA PHE C 66 -46.38 -9.50 22.03
C PHE C 66 -46.64 -9.61 20.54
N GLN C 67 -47.78 -10.20 20.16
CA GLN C 67 -48.09 -10.37 18.74
C GLN C 67 -48.23 -9.03 18.04
N ARG C 68 -48.71 -8.02 18.75
CA ARG C 68 -48.80 -6.68 18.18
C ARG C 68 -47.42 -6.11 17.85
N PHE C 69 -46.41 -6.45 18.67
CA PHE C 69 -45.05 -5.96 18.48
C PHE C 69 -44.19 -6.84 17.58
N LYS C 70 -44.62 -8.07 17.30
CA LYS C 70 -43.73 -9.07 16.71
C LYS C 70 -43.14 -8.57 15.39
N LYS C 71 -43.96 -7.98 14.53
CA LYS C 71 -43.48 -7.55 13.21
C LYS C 71 -42.38 -6.51 13.34
N THR C 72 -42.54 -5.54 14.24
CA THR C 72 -41.49 -4.57 14.46
C THR C 72 -40.26 -5.21 15.04
N LEU C 73 -40.44 -6.08 16.04
CA LEU C 73 -39.32 -6.73 16.72
C LEU C 73 -38.58 -7.67 15.78
N ASP C 74 -39.31 -8.35 14.89
CA ASP C 74 -38.66 -9.24 13.92
C ASP C 74 -37.73 -8.46 12.99
N VAL C 75 -38.20 -7.32 12.48
CA VAL C 75 -37.38 -6.52 11.58
C VAL C 75 -36.10 -6.08 12.29
N ILE C 76 -36.22 -5.59 13.51
CA ILE C 76 -35.05 -5.14 14.27
C ILE C 76 -34.11 -6.31 14.53
N ARG C 77 -34.66 -7.44 14.96
CA ARG C 77 -33.83 -8.59 15.30
C ARG C 77 -33.11 -9.15 14.09
N VAL C 78 -33.80 -9.25 12.95
CA VAL C 78 -33.18 -9.81 11.76
C VAL C 78 -32.05 -8.90 11.26
N ARG C 79 -32.28 -7.58 11.25
CA ARG C 79 -31.21 -6.67 10.85
C ARG C 79 -30.04 -6.71 11.81
N ALA C 80 -30.32 -6.76 13.12
CA ALA C 80 -29.23 -6.86 14.09
C ALA C 80 -28.41 -8.12 13.85
N GLY C 81 -29.06 -9.21 13.43
CA GLY C 81 -28.32 -10.42 13.12
C GLY C 81 -27.43 -10.27 11.89
N HIS C 82 -27.97 -9.66 10.82
CA HIS C 82 -27.16 -9.45 9.62
C HIS C 82 -26.01 -8.49 9.90
N THR C 83 -26.27 -7.44 10.67
CA THR C 83 -25.23 -6.48 11.02
C THR C 83 -24.14 -7.11 11.88
N ASP C 84 -24.54 -7.94 12.85
CA ASP C 84 -23.57 -8.64 13.69
C ASP C 84 -22.68 -9.56 12.86
N LYS C 85 -23.29 -10.32 11.94
CA LYS C 85 -22.49 -11.17 11.06
C LYS C 85 -21.53 -10.35 10.21
N ASN C 86 -21.99 -9.24 9.63
CA ASN C 86 -21.12 -8.43 8.79
C ASN C 86 -20.00 -7.79 9.58
N ALA C 87 -20.28 -7.38 10.83
CA ALA C 87 -19.21 -6.83 11.67
C ALA C 87 -18.15 -7.88 11.98
N GLN C 88 -18.56 -9.15 12.14
CA GLN C 88 -17.58 -10.21 12.34
C GLN C 88 -16.76 -10.44 11.09
N ILE C 89 -17.39 -10.40 9.91
CA ILE C 89 -16.64 -10.55 8.65
C ILE C 89 -15.63 -9.41 8.50
N ASN C 90 -16.04 -8.19 8.83
CA ASN C 90 -15.16 -7.03 8.73
C ASN C 90 -13.89 -7.22 9.55
N LEU C 91 -14.02 -7.74 10.78
CA LEU C 91 -12.86 -7.96 11.62
C LEU C 91 -11.94 -9.04 11.04
N GLU C 92 -12.53 -10.09 10.46
CA GLU C 92 -11.73 -11.13 9.81
C GLU C 92 -10.96 -10.55 8.63
N LEU C 93 -11.59 -9.65 7.87
CA LEU C 93 -10.89 -9.05 6.74
C LEU C 93 -9.77 -8.13 7.20
N TRP C 94 -10.00 -7.33 8.26
CA TRP C 94 -8.89 -6.59 8.86
C TRP C 94 -7.75 -7.52 9.25
N ASN C 95 -8.08 -8.65 9.89
CA ASN C 95 -7.03 -9.57 10.31
C ASN C 95 -6.23 -10.06 9.11
N ALA C 96 -6.91 -10.55 8.06
CA ALA C 96 -6.17 -11.03 6.91
C ALA C 96 -5.38 -9.90 6.25
N PHE C 97 -5.98 -8.72 6.15
CA PHE C 97 -5.28 -7.59 5.53
C PHE C 97 -4.03 -7.23 6.30
N LEU C 98 -4.12 -7.19 7.64
CA LEU C 98 -2.98 -6.82 8.46
C LEU C 98 -1.94 -7.94 8.59
N MET C 99 -2.35 -9.20 8.49
CA MET C 99 -1.36 -10.27 8.43
C MET C 99 -0.55 -10.17 7.14
N ALA C 100 -1.19 -9.83 6.02
CA ALA C 100 -0.48 -9.68 4.75
C ALA C 100 0.26 -8.35 4.64
N ASN C 101 -0.15 -7.34 5.40
CA ASN C 101 0.43 -5.99 5.34
C ASN C 101 0.64 -5.50 6.76
N PRO C 102 1.59 -6.09 7.49
CA PRO C 102 1.71 -5.79 8.93
C PRO C 102 2.15 -4.37 9.19
N LEU C 103 1.81 -3.90 10.37
CA LEU C 103 2.18 -2.57 10.84
C LEU C 103 3.44 -2.66 11.69
N PRO C 104 4.47 -1.85 11.45
CA PRO C 104 5.65 -1.89 12.33
C PRO C 104 5.30 -1.58 13.78
N VAL C 105 4.42 -0.62 14.01
CA VAL C 105 3.87 -0.34 15.33
C VAL C 105 2.37 -0.13 15.18
N THR C 106 1.64 -0.48 16.22
CA THR C 106 0.19 -0.33 16.24
C THR C 106 -0.14 0.80 17.20
N VAL C 107 -0.49 1.96 16.64
CA VAL C 107 -0.74 3.16 17.43
C VAL C 107 -2.25 3.32 17.56
N LEU C 108 -2.75 3.19 18.79
CA LEU C 108 -4.17 3.30 19.07
C LEU C 108 -4.51 4.74 19.48
N THR C 109 -5.80 5.06 19.52
CA THR C 109 -6.21 6.46 19.65
C THR C 109 -5.80 7.06 21.00
N ASP C 110 -5.68 6.25 22.05
CA ASP C 110 -5.24 6.79 23.33
C ASP C 110 -3.76 7.19 23.29
N GLN C 111 -2.95 6.54 22.45
CA GLN C 111 -1.59 7.02 22.26
C GLN C 111 -1.54 8.22 21.33
N HIS C 112 -2.15 8.12 20.16
CA HIS C 112 -2.22 9.24 19.24
C HIS C 112 -3.35 8.98 18.26
N THR C 113 -4.20 9.97 18.06
CA THR C 113 -5.31 9.86 17.12
C THR C 113 -4.86 10.44 15.79
N SER C 114 -4.93 9.63 14.73
CA SER C 114 -4.59 10.11 13.40
C SER C 114 -5.43 11.33 13.06
N GLU C 115 -4.80 12.32 12.40
CA GLU C 115 -5.56 13.48 11.97
C GLU C 115 -6.72 13.10 11.06
N SER C 116 -6.57 12.03 10.27
CA SER C 116 -7.68 11.58 9.43
C SER C 116 -8.87 11.12 10.27
N VAL C 117 -8.60 10.41 11.36
CA VAL C 117 -9.67 9.96 12.24
C VAL C 117 -10.33 11.15 12.93
N SER C 118 -9.52 12.11 13.40
CA SER C 118 -10.06 13.31 14.05
C SER C 118 -10.97 14.08 13.09
N MET C 119 -10.51 14.26 11.85
CA MET C 119 -11.32 14.98 10.87
C MET C 119 -12.62 14.25 10.56
N ALA C 120 -12.55 12.93 10.41
CA ALA C 120 -13.77 12.17 10.14
C ALA C 120 -14.73 12.23 11.32
N LYS C 121 -14.22 12.12 12.54
CA LYS C 121 -15.08 12.21 13.72
C LYS C 121 -15.77 13.58 13.79
N GLU C 122 -15.02 14.64 13.51
CA GLU C 122 -15.60 15.99 13.59
C GLU C 122 -16.64 16.20 12.51
N LYS C 123 -16.39 15.70 11.30
CA LYS C 123 -17.36 15.84 10.23
C LYS C 123 -18.66 15.12 10.57
N VAL C 124 -18.56 13.88 11.05
CA VAL C 124 -19.76 13.11 11.37
C VAL C 124 -20.49 13.73 12.56
N SER C 125 -19.74 14.23 13.55
CA SER C 125 -20.37 14.90 14.69
C SER C 125 -21.17 16.12 14.24
N ASN C 126 -20.63 16.92 13.31
CA ASN C 126 -21.39 18.04 12.78
CA ASN C 126 -21.38 18.05 12.77
C ASN C 126 -22.60 17.57 12.00
N ASP C 127 -22.45 16.51 11.21
CA ASP C 127 -23.58 15.93 10.48
C ASP C 127 -24.72 15.57 11.43
N ILE C 128 -24.40 14.90 12.53
CA ILE C 128 -25.42 14.48 13.47
C ILE C 128 -26.06 15.69 14.15
N ALA C 129 -25.26 16.72 14.45
CA ALA C 129 -25.80 17.91 15.11
C ALA C 129 -26.74 18.70 14.20
N THR C 130 -26.43 18.78 12.90
CA THR C 130 -27.27 19.56 11.98
C THR C 130 -28.54 18.82 11.59
N PHE C 131 -28.48 17.49 11.51
CA PHE C 131 -29.63 16.69 11.14
C PHE C 131 -30.56 16.49 12.34
N GLN D 58 -60.03 -4.98 24.72
CA GLN D 58 -58.63 -5.36 24.77
C GLN D 58 -57.79 -4.76 23.66
N ASP D 59 -58.32 -4.82 22.43
CA ASP D 59 -57.55 -4.39 21.27
C ASP D 59 -57.20 -2.92 21.34
N ALA D 60 -58.12 -2.08 21.84
CA ALA D 60 -57.81 -0.66 22.00
C ALA D 60 -56.66 -0.46 22.98
N LEU D 61 -56.60 -1.28 24.03
CA LEU D 61 -55.50 -1.21 24.97
C LEU D 61 -54.19 -1.64 24.32
N VAL D 62 -54.23 -2.72 23.54
CA VAL D 62 -53.02 -3.20 22.88
C VAL D 62 -52.45 -2.14 21.94
N GLU D 63 -53.31 -1.47 21.17
CA GLU D 63 -52.84 -0.40 20.28
C GLU D 63 -52.25 0.77 21.08
N LYS D 64 -52.88 1.12 22.21
CA LYS D 64 -52.32 2.18 23.03
C LYS D 64 -50.93 1.83 23.53
N ILE D 65 -50.71 0.57 23.89
CA ILE D 65 -49.40 0.12 24.34
C ILE D 65 -48.39 0.27 23.20
N PHE D 66 -48.76 -0.20 22.01
CA PHE D 66 -47.85 -0.11 20.85
C PHE D 66 -47.52 1.33 20.51
N GLN D 67 -48.54 2.20 20.49
CA GLN D 67 -48.32 3.60 20.15
C GLN D 67 -47.41 4.29 21.17
N ARG D 68 -47.49 3.88 22.44
CA ARG D 68 -46.59 4.44 23.44
C ARG D 68 -45.14 4.09 23.16
N PHE D 69 -44.90 2.90 22.59
CA PHE D 69 -43.55 2.42 22.26
C PHE D 69 -43.09 2.82 20.85
N LYS D 70 -44.00 3.28 20.00
CA LYS D 70 -43.72 3.41 18.58
C LYS D 70 -42.51 4.30 18.31
N LYS D 71 -42.46 5.47 18.96
CA LYS D 71 -41.40 6.43 18.70
C LYS D 71 -40.03 5.88 19.09
N THR D 72 -39.94 5.19 20.24
CA THR D 72 -38.67 4.59 20.66
C THR D 72 -38.24 3.48 19.70
N LEU D 73 -39.19 2.62 19.30
CA LEU D 73 -38.88 1.53 18.39
C LEU D 73 -38.51 2.06 17.01
N ASP D 74 -39.12 3.17 16.59
CA ASP D 74 -38.78 3.78 15.31
C ASP D 74 -37.33 4.25 15.30
N VAL D 75 -36.88 4.90 16.38
CA VAL D 75 -35.50 5.37 16.44
C VAL D 75 -34.54 4.18 16.34
N ILE D 76 -34.84 3.11 17.09
CA ILE D 76 -34.00 1.92 17.07
C ILE D 76 -34.00 1.29 15.68
N ARG D 77 -35.19 1.19 15.06
CA ARG D 77 -35.29 0.58 13.75
C ARG D 77 -34.54 1.39 12.70
N VAL D 78 -34.68 2.71 12.73
CA VAL D 78 -34.01 3.56 11.74
C VAL D 78 -32.49 3.49 11.89
N ARG D 79 -32.00 3.56 13.13
CA ARG D 79 -30.55 3.47 13.35
C ARG D 79 -30.02 2.11 12.92
N ALA D 80 -30.72 1.03 13.29
CA ALA D 80 -30.28 -0.30 12.89
C ALA D 80 -30.30 -0.48 11.38
N GLY D 81 -31.28 0.12 10.70
CA GLY D 81 -31.34 0.01 9.25
C GLY D 81 -30.19 0.71 8.56
N HIS D 82 -29.85 1.93 8.99
CA HIS D 82 -28.70 2.61 8.41
C HIS D 82 -27.40 1.89 8.74
N THR D 83 -27.29 1.36 9.96
CA THR D 83 -26.09 0.60 10.29
C THR D 83 -25.97 -0.65 9.43
N ASP D 84 -27.08 -1.35 9.19
CA ASP D 84 -27.03 -2.53 8.33
C ASP D 84 -26.62 -2.16 6.92
N LYS D 85 -27.19 -1.06 6.39
CA LYS D 85 -26.82 -0.58 5.07
C LYS D 85 -25.33 -0.24 5.00
N ASN D 86 -24.82 0.48 6.00
CA ASN D 86 -23.42 0.85 5.97
C ASN D 86 -22.51 -0.35 6.11
N ALA D 87 -22.91 -1.37 6.87
CA ALA D 87 -22.11 -2.59 6.96
C ALA D 87 -22.04 -3.30 5.61
N GLN D 88 -23.12 -3.24 4.82
CA GLN D 88 -23.08 -3.82 3.48
C GLN D 88 -22.15 -3.03 2.57
N ILE D 89 -22.20 -1.71 2.65
CA ILE D 89 -21.29 -0.88 1.85
C ILE D 89 -19.85 -1.17 2.24
N ASN D 90 -19.59 -1.34 3.54
CA ASN D 90 -18.25 -1.63 4.02
C ASN D 90 -17.70 -2.91 3.38
N LEU D 91 -18.53 -3.95 3.30
CA LEU D 91 -18.08 -5.21 2.73
CA LEU D 91 -18.07 -5.21 2.73
C LEU D 91 -17.81 -5.09 1.24
N GLU D 92 -18.65 -4.33 0.51
CA GLU D 92 -18.39 -4.10 -0.91
C GLU D 92 -17.09 -3.33 -1.11
N LEU D 93 -16.79 -2.37 -0.24
CA LEU D 93 -15.54 -1.64 -0.35
C LEU D 93 -14.34 -2.55 -0.04
N TRP D 94 -14.44 -3.41 0.98
CA TRP D 94 -13.41 -4.41 1.20
C TRP D 94 -13.21 -5.27 -0.05
N ASN D 95 -14.31 -5.69 -0.68
CA ASN D 95 -14.18 -6.53 -1.88
C ASN D 95 -13.43 -5.79 -2.99
N ALA D 96 -13.84 -4.56 -3.28
CA ALA D 96 -13.17 -3.81 -4.34
C ALA D 96 -11.71 -3.56 -3.99
N PHE D 97 -11.44 -3.21 -2.73
CA PHE D 97 -10.07 -2.94 -2.31
C PHE D 97 -9.20 -4.18 -2.45
N LEU D 98 -9.69 -5.34 -2.02
CA LEU D 98 -8.91 -6.57 -2.06
C LEU D 98 -8.80 -7.14 -3.47
N MET D 99 -9.78 -6.88 -4.34
CA MET D 99 -9.62 -7.27 -5.74
C MET D 99 -8.49 -6.46 -6.38
N ALA D 100 -8.39 -5.16 -6.05
CA ALA D 100 -7.35 -4.32 -6.60
C ALA D 100 -6.00 -4.51 -5.91
N ASN D 101 -6.00 -5.02 -4.67
CA ASN D 101 -4.81 -5.19 -3.85
C ASN D 101 -4.88 -6.57 -3.20
N PRO D 102 -4.71 -7.63 -3.98
CA PRO D 102 -4.97 -8.98 -3.45
C PRO D 102 -3.95 -9.42 -2.41
N LEU D 103 -4.38 -10.34 -1.58
CA LEU D 103 -3.55 -10.92 -0.55
C LEU D 103 -2.98 -12.24 -1.03
N PRO D 104 -1.65 -12.46 -0.93
CA PRO D 104 -1.09 -13.78 -1.31
C PRO D 104 -1.71 -14.93 -0.52
N VAL D 105 -1.93 -14.75 0.78
CA VAL D 105 -2.66 -15.71 1.58
C VAL D 105 -3.62 -14.93 2.45
N THR D 106 -4.74 -15.57 2.78
CA THR D 106 -5.77 -14.96 3.62
C THR D 106 -5.75 -15.66 4.98
N VAL D 107 -5.21 -14.98 5.99
CA VAL D 107 -5.02 -15.54 7.32
C VAL D 107 -6.17 -15.03 8.21
N LEU D 108 -7.05 -15.93 8.63
CA LEU D 108 -8.18 -15.58 9.48
C LEU D 108 -7.81 -15.77 10.96
N THR D 109 -8.66 -15.25 11.84
CA THR D 109 -8.29 -15.19 13.26
C THR D 109 -8.14 -16.57 13.90
N ASP D 110 -8.86 -17.59 13.38
CA ASP D 110 -8.70 -18.94 13.93
C ASP D 110 -7.34 -19.55 13.59
N GLN D 111 -6.73 -19.15 12.46
CA GLN D 111 -5.37 -19.58 12.18
C GLN D 111 -4.35 -18.76 12.97
N HIS D 112 -4.44 -17.43 12.89
CA HIS D 112 -3.55 -16.55 13.63
C HIS D 112 -4.18 -15.17 13.71
N THR D 113 -4.25 -14.61 14.91
CA THR D 113 -4.80 -13.28 15.12
C THR D 113 -3.66 -12.28 15.12
N SER D 114 -3.75 -11.29 14.22
CA SER D 114 -2.75 -10.25 14.13
C SER D 114 -2.56 -9.56 15.47
N GLU D 115 -1.31 -9.26 15.82
CA GLU D 115 -1.05 -8.53 17.05
C GLU D 115 -1.78 -7.18 17.07
N SER D 116 -1.94 -6.55 15.90
CA SER D 116 -2.70 -5.30 15.83
C SER D 116 -4.15 -5.50 16.23
N VAL D 117 -4.75 -6.61 15.79
CA VAL D 117 -6.13 -6.92 16.17
C VAL D 117 -6.22 -7.21 17.66
N SER D 118 -5.26 -7.97 18.21
CA SER D 118 -5.26 -8.27 19.64
C SER D 118 -5.18 -6.97 20.46
N MET D 119 -4.28 -6.08 20.07
CA MET D 119 -4.12 -4.82 20.80
C MET D 119 -5.38 -3.97 20.74
N ALA D 120 -6.01 -3.90 19.56
CA ALA D 120 -7.24 -3.13 19.41
C ALA D 120 -8.36 -3.71 20.25
N LYS D 121 -8.48 -5.03 20.26
CA LYS D 121 -9.51 -5.69 21.08
C LYS D 121 -9.31 -5.38 22.55
N GLU D 122 -8.07 -5.43 23.03
CA GLU D 122 -7.82 -5.20 24.45
C GLU D 122 -8.14 -3.75 24.83
N LYS D 123 -7.71 -2.79 24.02
CA LYS D 123 -8.04 -1.39 24.28
C LYS D 123 -9.55 -1.17 24.31
N VAL D 124 -10.28 -1.73 23.34
CA VAL D 124 -11.72 -1.51 23.30
C VAL D 124 -12.39 -2.12 24.52
N SER D 125 -11.90 -3.28 24.98
CA SER D 125 -12.44 -3.85 26.20
C SER D 125 -12.26 -2.92 27.40
N ASN D 126 -11.10 -2.28 27.50
CA ASN D 126 -10.90 -1.31 28.57
C ASN D 126 -11.80 -0.08 28.39
N ASP D 127 -11.96 0.38 27.15
CA ASP D 127 -12.87 1.50 26.87
C ASP D 127 -14.29 1.19 27.31
N ILE D 128 -14.81 0.02 26.92
CA ILE D 128 -16.20 -0.31 27.23
C ILE D 128 -16.39 -0.47 28.74
N ALA D 129 -15.37 -0.98 29.44
CA ALA D 129 -15.43 -1.14 30.89
C ALA D 129 -15.48 0.21 31.61
N THR D 130 -14.85 1.25 31.04
CA THR D 130 -14.74 2.54 31.72
C THR D 130 -15.64 3.61 31.15
N PHE D 131 -16.12 3.45 29.93
CA PHE D 131 -17.14 4.33 29.39
C PHE D 131 -18.50 3.65 29.47
N LEU E 55 59.29 -7.75 -23.59
CA LEU E 55 60.38 -6.80 -23.41
C LEU E 55 60.56 -5.92 -24.65
N SER E 56 59.80 -6.21 -25.69
CA SER E 56 59.94 -5.47 -26.94
C SER E 56 59.66 -3.99 -26.72
N GLU E 57 60.32 -3.15 -27.52
CA GLU E 57 60.14 -1.71 -27.39
C GLU E 57 58.69 -1.32 -27.61
N GLN E 58 58.05 -1.92 -28.62
CA GLN E 58 56.66 -1.59 -28.92
C GLN E 58 55.73 -2.04 -27.79
N ASP E 59 55.96 -3.25 -27.27
CA ASP E 59 55.14 -3.75 -26.16
C ASP E 59 55.33 -2.90 -24.91
N ALA E 60 56.57 -2.46 -24.66
CA ALA E 60 56.84 -1.61 -23.51
C ALA E 60 56.08 -0.29 -23.62
N LEU E 61 55.98 0.26 -24.83
CA LEU E 61 55.20 1.47 -25.04
C LEU E 61 53.72 1.20 -24.79
N VAL E 62 53.21 0.06 -25.30
CA VAL E 62 51.82 -0.29 -25.11
C VAL E 62 51.48 -0.38 -23.62
N GLU E 63 52.38 -1.00 -22.84
CA GLU E 63 52.14 -1.10 -21.40
C GLU E 63 52.12 0.28 -20.75
N LYS E 64 52.98 1.19 -21.19
CA LYS E 64 52.95 2.56 -20.66
C LYS E 64 51.62 3.24 -20.95
N ILE E 65 51.08 3.06 -22.16
CA ILE E 65 49.81 3.69 -22.48
C ILE E 65 48.71 3.14 -21.58
N PHE E 66 48.68 1.83 -21.38
CA PHE E 66 47.69 1.22 -20.51
C PHE E 66 47.85 1.73 -19.08
N GLN E 67 49.09 1.75 -18.57
CA GLN E 67 49.31 2.17 -17.19
C GLN E 67 48.87 3.61 -16.96
N ARG E 68 49.01 4.47 -17.98
CA ARG E 68 48.54 5.84 -17.85
C ARG E 68 47.01 5.90 -17.70
N PHE E 69 46.29 4.98 -18.34
CA PHE E 69 44.83 4.91 -18.27
C PHE E 69 44.32 4.10 -17.10
N LYS E 70 45.19 3.32 -16.45
CA LYS E 70 44.74 2.30 -15.50
C LYS E 70 43.89 2.88 -14.38
N LYS E 71 44.33 3.96 -13.76
CA LYS E 71 43.57 4.48 -12.63
C LYS E 71 42.19 4.94 -13.05
N THR E 72 42.07 5.60 -14.20
CA THR E 72 40.76 6.03 -14.67
C THR E 72 39.87 4.83 -14.99
N LEU E 73 40.42 3.83 -15.67
CA LEU E 73 39.65 2.64 -16.04
C LEU E 73 39.27 1.83 -14.80
N ASP E 74 40.16 1.78 -13.81
CA ASP E 74 39.84 1.09 -12.56
C ASP E 74 38.65 1.73 -11.87
N VAL E 75 38.62 3.06 -11.79
CA VAL E 75 37.50 3.75 -11.16
C VAL E 75 36.19 3.40 -11.86
N ILE E 76 36.19 3.47 -13.19
CA ILE E 76 34.97 3.17 -13.97
C ILE E 76 34.57 1.72 -13.78
N ARG E 77 35.54 0.81 -13.87
CA ARG E 77 35.25 -0.63 -13.78
C ARG E 77 34.69 -1.00 -12.42
N VAL E 78 35.31 -0.49 -11.34
CA VAL E 78 34.86 -0.84 -9.99
C VAL E 78 33.46 -0.30 -9.73
N ARG E 79 33.19 0.95 -10.12
CA ARG E 79 31.83 1.48 -9.96
C ARG E 79 30.82 0.71 -10.79
N ALA E 80 31.20 0.35 -12.01
CA ALA E 80 30.27 -0.42 -12.84
C ALA E 80 29.91 -1.73 -12.14
N GLY E 81 30.88 -2.32 -11.44
CA GLY E 81 30.61 -3.55 -10.69
C GLY E 81 29.66 -3.32 -9.53
N HIS E 82 29.88 -2.25 -8.75
CA HIS E 82 28.97 -1.98 -7.64
C HIS E 82 27.57 -1.63 -8.12
N THR E 83 27.48 -0.85 -9.21
CA THR E 83 26.18 -0.50 -9.77
C THR E 83 25.45 -1.74 -10.31
N ASP E 84 26.18 -2.64 -10.96
CA ASP E 84 25.59 -3.87 -11.49
C ASP E 84 25.02 -4.71 -10.36
N LYS E 85 25.78 -4.87 -9.27
CA LYS E 85 25.28 -5.59 -8.12
C LYS E 85 24.04 -4.93 -7.52
N ASN E 86 24.06 -3.60 -7.39
CA ASN E 86 22.92 -2.91 -6.79
C ASN E 86 21.68 -2.99 -7.66
N ALA E 87 21.85 -2.95 -8.99
CA ALA E 87 20.70 -3.12 -9.89
C ALA E 87 20.10 -4.52 -9.75
N GLN E 88 20.95 -5.53 -9.55
CA GLN E 88 20.43 -6.88 -9.32
C GLN E 88 19.66 -6.97 -8.01
N ILE E 89 20.17 -6.32 -6.96
CA ILE E 89 19.45 -6.29 -5.69
C ILE E 89 18.09 -5.60 -5.84
N ASN E 90 18.06 -4.49 -6.61
CA ASN E 90 16.81 -3.77 -6.84
C ASN E 90 15.76 -4.67 -7.49
N LEU E 91 16.16 -5.49 -8.47
CA LEU E 91 15.21 -6.38 -9.10
C LEU E 91 14.70 -7.46 -8.14
N GLU E 92 15.60 -7.97 -7.28
CA GLU E 92 15.17 -8.93 -6.27
C GLU E 92 14.17 -8.31 -5.30
N LEU E 93 14.39 -7.05 -4.93
CA LEU E 93 13.45 -6.38 -4.03
C LEU E 93 12.10 -6.14 -4.70
N TRP E 94 12.10 -5.72 -5.97
CA TRP E 94 10.85 -5.66 -6.73
C TRP E 94 10.14 -7.01 -6.71
N ASN E 95 10.88 -8.09 -6.92
CA ASN E 95 10.27 -9.41 -6.93
C ASN E 95 9.59 -9.73 -5.60
N ALA E 96 10.31 -9.56 -4.50
CA ALA E 96 9.73 -9.85 -3.20
C ALA E 96 8.54 -8.95 -2.91
N PHE E 97 8.65 -7.67 -3.26
CA PHE E 97 7.57 -6.73 -3.02
C PHE E 97 6.32 -7.11 -3.81
N LEU E 98 6.49 -7.46 -5.09
CA LEU E 98 5.33 -7.79 -5.92
C LEU E 98 4.77 -9.17 -5.58
N MET E 99 5.60 -10.08 -5.06
CA MET E 99 5.05 -11.34 -4.60
C MET E 99 4.16 -11.13 -3.39
N ALA E 100 4.57 -10.23 -2.49
CA ALA E 100 3.77 -9.94 -1.30
C ALA E 100 2.61 -9.02 -1.59
N ASN E 101 2.68 -8.23 -2.66
CA ASN E 101 1.66 -7.23 -3.00
C ASN E 101 1.39 -7.34 -4.50
N PRO E 102 0.74 -8.42 -4.93
CA PRO E 102 0.62 -8.67 -6.38
C PRO E 102 -0.26 -7.68 -7.09
N LEU E 103 -0.02 -7.55 -8.38
CA LEU E 103 -0.80 -6.68 -9.24
C LEU E 103 -1.88 -7.49 -9.95
N PRO E 104 -3.15 -7.07 -9.91
CA PRO E 104 -4.19 -7.78 -10.67
C PRO E 104 -3.89 -7.88 -12.15
N VAL E 105 -3.38 -6.81 -12.76
CA VAL E 105 -2.88 -6.84 -14.13
C VAL E 105 -1.55 -6.09 -14.14
N THR E 106 -0.69 -6.47 -15.06
CA THR E 106 0.62 -5.85 -15.20
C THR E 106 0.60 -5.03 -16.48
N VAL E 107 0.50 -3.71 -16.35
CA VAL E 107 0.37 -2.82 -17.50
C VAL E 107 1.73 -2.22 -17.78
N LEU E 108 2.31 -2.59 -18.91
CA LEU E 108 3.62 -2.10 -19.32
C LEU E 108 3.46 -0.86 -20.21
N THR E 109 4.58 -0.14 -20.42
CA THR E 109 4.49 1.18 -21.05
C THR E 109 4.01 1.09 -22.49
N ASP E 110 4.24 -0.03 -23.17
CA ASP E 110 3.73 -0.15 -24.55
C ASP E 110 2.21 -0.27 -24.57
N GLN E 111 1.60 -0.83 -23.52
CA GLN E 111 0.14 -0.82 -23.44
C GLN E 111 -0.38 0.54 -22.99
N HIS E 112 0.14 1.05 -21.87
CA HIS E 112 -0.25 2.38 -21.41
C HIS E 112 0.82 2.86 -20.44
N THR E 113 1.30 4.08 -20.64
CA THR E 113 2.32 4.67 -19.78
C THR E 113 1.63 5.49 -18.70
N SER E 114 1.90 5.18 -17.44
CA SER E 114 1.34 5.94 -16.34
C SER E 114 1.66 7.41 -16.48
N GLU E 115 0.68 8.26 -16.18
CA GLU E 115 0.93 9.70 -16.21
C GLU E 115 2.07 10.07 -15.26
N SER E 116 2.22 9.35 -14.14
CA SER E 116 3.35 9.63 -13.25
C SER E 116 4.68 9.36 -13.94
N VAL E 117 4.77 8.27 -14.70
CA VAL E 117 5.99 7.98 -15.44
C VAL E 117 6.22 9.02 -16.53
N SER E 118 5.16 9.42 -17.25
CA SER E 118 5.31 10.45 -18.27
C SER E 118 5.81 11.75 -17.67
N MET E 119 5.24 12.17 -16.54
CA MET E 119 5.67 13.42 -15.91
C MET E 119 7.13 13.35 -15.45
N ALA E 120 7.53 12.22 -14.87
CA ALA E 120 8.91 12.07 -14.42
C ALA E 120 9.88 12.12 -15.60
N LYS E 121 9.55 11.41 -16.68
CA LYS E 121 10.37 11.42 -17.89
C LYS E 121 10.51 12.83 -18.47
N GLU E 122 9.40 13.57 -18.54
CA GLU E 122 9.46 14.93 -19.09
C GLU E 122 10.29 15.84 -18.21
N LYS E 123 10.17 15.69 -16.89
CA LYS E 123 10.94 16.53 -15.97
C LYS E 123 12.43 16.25 -16.12
N VAL E 124 12.80 14.97 -16.13
CA VAL E 124 14.22 14.61 -16.24
C VAL E 124 14.78 15.01 -17.60
N SER E 125 13.98 14.86 -18.67
CA SER E 125 14.41 15.32 -20.00
C SER E 125 14.72 16.80 -19.98
N ASN E 126 13.84 17.60 -19.38
N ASN E 126 13.85 17.60 -19.36
CA ASN E 126 14.08 19.04 -19.25
CA ASN E 126 14.10 19.04 -19.27
C ASN E 126 15.36 19.30 -18.46
C ASN E 126 15.36 19.33 -18.44
N ASP E 127 15.58 18.56 -17.37
CA ASP E 127 16.79 18.72 -16.57
C ASP E 127 18.04 18.52 -17.42
N ILE E 128 18.06 17.43 -18.20
CA ILE E 128 19.22 17.10 -19.02
C ILE E 128 19.44 18.16 -20.10
N ALA E 129 18.35 18.68 -20.67
CA ALA E 129 18.47 19.70 -21.72
C ALA E 129 19.01 21.02 -21.17
N THR E 130 18.67 21.35 -19.92
CA THR E 130 19.07 22.63 -19.33
C THR E 130 20.19 22.49 -18.29
N SER F 56 61.06 10.82 -21.64
CA SER F 56 60.16 11.96 -21.51
C SER F 56 59.52 12.31 -22.84
N GLU F 57 60.22 12.06 -23.94
CA GLU F 57 59.60 12.18 -25.25
C GLU F 57 58.50 11.14 -25.43
N GLN F 58 58.77 9.90 -25.04
CA GLN F 58 57.76 8.86 -25.02
C GLN F 58 56.63 9.18 -24.03
N ASP F 59 56.99 9.64 -22.83
CA ASP F 59 56.00 9.99 -21.83
C ASP F 59 55.11 11.13 -22.31
N ALA F 60 55.71 12.09 -23.02
CA ALA F 60 54.93 13.19 -23.60
C ALA F 60 53.91 12.67 -24.61
N LEU F 61 54.29 11.66 -25.39
CA LEU F 61 53.34 11.06 -26.32
C LEU F 61 52.22 10.35 -25.57
N VAL F 62 52.57 9.61 -24.52
CA VAL F 62 51.56 8.93 -23.70
C VAL F 62 50.58 9.95 -23.12
N GLU F 63 51.11 11.09 -22.66
CA GLU F 63 50.25 12.15 -22.13
C GLU F 63 49.31 12.71 -23.19
N LYS F 64 49.81 12.89 -24.42
CA LYS F 64 48.94 13.35 -25.49
C LYS F 64 47.84 12.35 -25.78
N ILE F 65 48.16 11.06 -25.73
CA ILE F 65 47.15 10.03 -25.97
C ILE F 65 46.05 10.11 -24.90
N PHE F 66 46.46 10.21 -23.63
CA PHE F 66 45.47 10.31 -22.55
C PHE F 66 44.61 11.55 -22.72
N GLN F 67 45.24 12.69 -23.01
CA GLN F 67 44.48 13.93 -23.16
C GLN F 67 43.49 13.85 -24.32
N ARG F 68 43.83 13.11 -25.37
CA ARG F 68 42.88 12.94 -26.47
C ARG F 68 41.63 12.18 -26.02
N PHE F 69 41.78 11.27 -25.05
CA PHE F 69 40.68 10.48 -24.51
C PHE F 69 39.98 11.14 -23.32
N LYS F 70 40.58 12.19 -22.74
CA LYS F 70 40.13 12.69 -21.44
C LYS F 70 38.66 13.08 -21.42
N LYS F 71 38.21 13.84 -22.43
CA LYS F 71 36.82 14.30 -22.41
C LYS F 71 35.84 13.14 -22.50
N THR F 72 36.13 12.15 -23.34
CA THR F 72 35.22 11.01 -23.45
C THR F 72 35.20 10.22 -22.15
N LEU F 73 36.37 10.00 -21.55
CA LEU F 73 36.45 9.25 -20.30
C LEU F 73 35.80 10.02 -19.16
N ASP F 74 35.92 11.35 -19.16
CA ASP F 74 35.27 12.15 -18.14
C ASP F 74 33.75 11.99 -18.21
N VAL F 75 33.19 12.03 -19.41
CA VAL F 75 31.74 11.87 -19.55
C VAL F 75 31.31 10.50 -19.03
N ILE F 76 32.03 9.45 -19.41
CA ILE F 76 31.68 8.10 -18.96
C ILE F 76 31.80 8.00 -17.45
N ARG F 77 32.90 8.50 -16.90
CA ARG F 77 33.16 8.39 -15.47
C ARG F 77 32.13 9.16 -14.67
N VAL F 78 31.78 10.37 -15.10
CA VAL F 78 30.81 11.19 -14.38
C VAL F 78 29.43 10.54 -14.42
N ARG F 79 29.01 10.05 -15.60
CA ARG F 79 27.71 9.42 -15.70
C ARG F 79 27.64 8.16 -14.86
N ALA F 80 28.68 7.33 -14.91
CA ALA F 80 28.72 6.12 -14.09
C ALA F 80 28.74 6.47 -12.60
N GLY F 81 29.42 7.55 -12.23
CA GLY F 81 29.47 7.93 -10.83
C GLY F 81 28.11 8.34 -10.30
N HIS F 82 27.39 9.17 -11.05
CA HIS F 82 26.04 9.56 -10.61
C HIS F 82 25.10 8.37 -10.61
N THR F 83 25.24 7.47 -11.59
CA THR F 83 24.39 6.27 -11.59
C THR F 83 24.66 5.42 -10.35
N ASP F 84 25.93 5.26 -9.98
CA ASP F 84 26.27 4.50 -8.78
C ASP F 84 25.69 5.14 -7.53
N LYS F 85 25.79 6.47 -7.42
CA LYS F 85 25.21 7.19 -6.29
C LYS F 85 23.70 6.95 -6.24
N ASN F 86 23.04 7.09 -7.38
CA ASN F 86 21.58 6.94 -7.39
C ASN F 86 21.14 5.52 -7.08
N ALA F 87 21.92 4.52 -7.51
CA ALA F 87 21.61 3.14 -7.16
C ALA F 87 21.71 2.91 -5.66
N GLN F 88 22.67 3.59 -5.01
CA GLN F 88 22.77 3.49 -3.56
C GLN F 88 21.58 4.15 -2.88
N ILE F 89 21.15 5.32 -3.39
CA ILE F 89 19.98 5.99 -2.83
C ILE F 89 18.75 5.10 -2.99
N ASN F 90 18.63 4.44 -4.14
CA ASN F 90 17.51 3.56 -4.42
C ASN F 90 17.40 2.46 -3.39
N LEU F 91 18.53 1.86 -3.00
CA LEU F 91 18.51 0.79 -2.01
CA LEU F 91 18.50 0.79 -2.01
C LEU F 91 18.13 1.32 -0.63
N GLU F 92 18.61 2.51 -0.27
CA GLU F 92 18.22 3.08 1.02
C GLU F 92 16.72 3.36 1.05
N LEU F 93 16.16 3.82 -0.05
CA LEU F 93 14.72 4.06 -0.10
C LEU F 93 13.94 2.76 0.00
N TRP F 94 14.39 1.70 -0.68
CA TRP F 94 13.79 0.38 -0.47
C TRP F 94 13.83 -0.02 1.00
N ASN F 95 14.98 0.18 1.65
CA ASN F 95 15.08 -0.19 3.05
C ASN F 95 14.07 0.56 3.89
N ALA F 96 13.99 1.89 3.73
CA ALA F 96 13.03 2.66 4.50
C ALA F 96 11.60 2.27 4.18
N PHE F 97 11.31 2.03 2.90
CA PHE F 97 9.95 1.64 2.49
C PHE F 97 9.55 0.30 3.09
N LEU F 98 10.44 -0.69 3.03
CA LEU F 98 10.14 -2.02 3.53
C LEU F 98 10.17 -2.08 5.06
N MET F 99 10.96 -1.22 5.72
CA MET F 99 10.85 -1.12 7.18
C MET F 99 9.48 -0.59 7.58
N ALA F 100 8.96 0.39 6.84
CA ALA F 100 7.64 0.94 7.16
C ALA F 100 6.50 0.06 6.67
N ASN F 101 6.75 -0.79 5.67
CA ASN F 101 5.73 -1.63 5.04
C ASN F 101 6.30 -3.03 4.88
N PRO F 102 6.48 -3.76 5.97
CA PRO F 102 7.22 -5.04 5.91
C PRO F 102 6.46 -6.12 5.14
N LEU F 103 7.24 -7.06 4.63
CA LEU F 103 6.74 -8.21 3.90
C LEU F 103 6.65 -9.41 4.84
N PRO F 104 5.50 -10.09 4.91
CA PRO F 104 5.44 -11.31 5.75
C PRO F 104 6.45 -12.37 5.36
N VAL F 105 6.67 -12.57 4.07
CA VAL F 105 7.74 -13.43 3.58
C VAL F 105 8.43 -12.70 2.44
N THR F 106 9.73 -12.97 2.27
CA THR F 106 10.53 -12.36 1.22
C THR F 106 10.83 -13.42 0.17
N VAL F 107 10.15 -13.35 -0.98
CA VAL F 107 10.28 -14.34 -2.05
C VAL F 107 11.21 -13.78 -3.11
N LEU F 108 12.38 -14.39 -3.25
CA LEU F 108 13.39 -13.96 -4.22
C LEU F 108 13.22 -14.78 -5.51
N THR F 109 13.87 -14.31 -6.60
CA THR F 109 13.58 -14.87 -7.92
C THR F 109 13.97 -16.33 -8.05
N ASP F 110 14.98 -16.79 -7.29
CA ASP F 110 15.35 -18.20 -7.33
C ASP F 110 14.28 -19.09 -6.73
N GLN F 111 13.49 -18.59 -5.78
CA GLN F 111 12.35 -19.36 -5.28
C GLN F 111 11.16 -19.29 -6.24
N HIS F 112 10.75 -18.08 -6.61
CA HIS F 112 9.66 -17.90 -7.54
C HIS F 112 9.76 -16.50 -8.12
N THR F 113 9.69 -16.38 -9.44
CA THR F 113 9.75 -15.08 -10.09
C THR F 113 8.32 -14.58 -10.31
N SER F 114 8.03 -13.38 -9.81
CA SER F 114 6.73 -12.78 -10.02
C SER F 114 6.39 -12.70 -11.49
N GLU F 115 5.14 -12.98 -11.83
CA GLU F 115 4.70 -12.85 -13.22
C GLU F 115 4.90 -11.43 -13.74
N SER F 116 4.76 -10.42 -12.86
CA SER F 116 5.02 -9.04 -13.29
C SER F 116 6.48 -8.85 -13.69
N VAL F 117 7.39 -9.45 -12.93
CA VAL F 117 8.81 -9.36 -13.27
C VAL F 117 9.10 -10.09 -14.57
N SER F 118 8.53 -11.28 -14.74
CA SER F 118 8.72 -12.03 -15.99
C SER F 118 8.24 -11.24 -17.18
N MET F 119 7.05 -10.64 -17.07
CA MET F 119 6.51 -9.85 -18.18
C MET F 119 7.39 -8.65 -18.50
N ALA F 120 7.88 -7.97 -17.46
CA ALA F 120 8.76 -6.81 -17.67
C ALA F 120 10.06 -7.21 -18.34
N LYS F 121 10.65 -8.33 -17.89
CA LYS F 121 11.88 -8.83 -18.50
C LYS F 121 11.67 -9.14 -19.97
N GLU F 122 10.57 -9.82 -20.33
CA GLU F 122 10.36 -10.18 -21.72
CA GLU F 122 10.34 -10.18 -21.72
C GLU F 122 10.17 -8.94 -22.59
N LYS F 123 9.41 -7.96 -22.10
CA LYS F 123 9.17 -6.74 -22.87
C LYS F 123 10.48 -5.99 -23.12
N VAL F 124 11.32 -5.85 -22.08
CA VAL F 124 12.58 -5.13 -22.24
C VAL F 124 13.53 -5.91 -23.16
N SER F 125 13.55 -7.24 -23.07
CA SER F 125 14.36 -8.02 -24.00
C SER F 125 13.92 -7.75 -25.45
N ASN F 126 12.61 -7.68 -25.69
CA ASN F 126 12.13 -7.31 -27.02
C ASN F 126 12.55 -5.91 -27.40
N ASP F 127 12.48 -4.96 -26.46
CA ASP F 127 12.90 -3.58 -26.74
C ASP F 127 14.37 -3.53 -27.14
N ILE F 128 15.23 -4.18 -26.35
CA ILE F 128 16.66 -4.12 -26.62
C ILE F 128 16.98 -4.78 -27.95
N ALA F 129 16.27 -5.85 -28.30
CA ALA F 129 16.49 -6.53 -29.57
C ALA F 129 16.11 -5.67 -30.76
N THR F 130 15.13 -4.78 -30.61
CA THR F 130 14.64 -4.00 -31.75
C THR F 130 15.06 -2.53 -31.74
N PHE F 131 15.53 -2.00 -30.61
CA PHE F 131 15.93 -0.61 -30.58
C PHE F 131 17.47 -0.54 -30.61
N GLU G 57 52.09 14.90 -37.55
CA GLU G 57 52.86 13.66 -37.58
C GLU G 57 52.47 12.76 -36.41
N GLN G 58 52.95 13.12 -35.23
CA GLN G 58 52.59 12.40 -34.01
C GLN G 58 51.11 12.60 -33.69
N ASP G 59 50.59 13.82 -33.88
CA ASP G 59 49.18 14.09 -33.62
C ASP G 59 48.29 13.23 -34.50
N ALA G 60 48.72 12.98 -35.74
CA ALA G 60 47.98 12.09 -36.62
C ALA G 60 47.90 10.67 -36.05
N LEU G 61 48.98 10.22 -35.39
CA LEU G 61 48.95 8.92 -34.73
C LEU G 61 47.98 8.91 -33.56
N VAL G 62 47.97 9.97 -32.76
CA VAL G 62 47.06 10.06 -31.62
C VAL G 62 45.62 9.96 -32.08
N GLU G 63 45.27 10.65 -33.18
CA GLU G 63 43.92 10.57 -33.71
C GLU G 63 43.58 9.17 -34.18
N LYS G 64 44.57 8.48 -34.75
CA LYS G 64 44.37 7.11 -35.22
C LYS G 64 44.06 6.18 -34.05
N ILE G 65 44.75 6.35 -32.92
CA ILE G 65 44.49 5.54 -31.74
C ILE G 65 43.07 5.76 -31.24
N PHE G 66 42.65 7.03 -31.18
CA PHE G 66 41.30 7.35 -30.71
C PHE G 66 40.24 6.72 -31.60
N GLN G 67 40.43 6.80 -32.92
CA GLN G 67 39.44 6.26 -33.85
C GLN G 67 39.28 4.75 -33.70
N ARG G 68 40.37 4.05 -33.38
CA ARG G 68 40.25 2.61 -33.15
C ARG G 68 39.37 2.30 -31.95
N PHE G 69 39.37 3.17 -30.94
CA PHE G 69 38.57 3.00 -29.73
C PHE G 69 37.17 3.57 -29.85
N LYS G 70 36.90 4.39 -30.87
CA LYS G 70 35.68 5.20 -30.92
C LYS G 70 34.43 4.33 -30.81
N LYS G 71 34.36 3.23 -31.56
CA LYS G 71 33.17 2.39 -31.54
C LYS G 71 32.88 1.86 -30.15
N THR G 72 33.91 1.38 -29.46
CA THR G 72 33.72 0.84 -28.12
C THR G 72 33.34 1.94 -27.13
N LEU G 73 34.02 3.08 -27.20
CA LEU G 73 33.74 4.17 -26.27
C LEU G 73 32.37 4.77 -26.50
N ASP G 74 31.94 4.83 -27.77
CA ASP G 74 30.61 5.33 -28.07
C ASP G 74 29.52 4.46 -27.46
N VAL G 75 29.67 3.14 -27.58
CA VAL G 75 28.68 2.22 -27.00
C VAL G 75 28.59 2.43 -25.50
N ILE G 76 29.73 2.48 -24.83
CA ILE G 76 29.75 2.66 -23.38
C ILE G 76 29.15 4.00 -22.98
N ARG G 77 29.56 5.06 -23.67
CA ARG G 77 29.11 6.41 -23.32
C ARG G 77 27.61 6.57 -23.52
N VAL G 78 27.08 6.06 -24.64
CA VAL G 78 25.66 6.20 -24.92
C VAL G 78 24.82 5.45 -23.90
N ARG G 79 25.21 4.20 -23.58
CA ARG G 79 24.49 3.45 -22.54
C ARG G 79 24.57 4.12 -21.19
N ALA G 80 25.76 4.62 -20.84
CA ALA G 80 25.89 5.32 -19.56
C ALA G 80 24.95 6.51 -19.50
N GLY G 81 24.74 7.19 -20.63
CA GLY G 81 23.79 8.28 -20.68
C GLY G 81 22.36 7.82 -20.47
N HIS G 82 21.97 6.74 -21.13
CA HIS G 82 20.61 6.22 -20.96
C HIS G 82 20.39 5.71 -19.54
N THR G 83 21.40 5.04 -18.97
CA THR G 83 21.31 4.55 -17.60
C THR G 83 21.23 5.70 -16.60
N ASP G 84 22.01 6.75 -16.81
CA ASP G 84 21.98 7.92 -15.95
C ASP G 84 20.61 8.58 -15.99
N LYS G 85 20.04 8.73 -17.19
CA LYS G 85 18.70 9.31 -17.30
C LYS G 85 17.67 8.45 -16.58
N ASN G 86 17.73 7.12 -16.76
CA ASN G 86 16.75 6.25 -16.11
C ASN G 86 16.90 6.26 -14.59
N ALA G 87 18.13 6.36 -14.10
CA ALA G 87 18.33 6.45 -12.65
C ALA G 87 17.71 7.72 -12.09
N GLN G 88 17.77 8.83 -12.85
CA GLN G 88 17.14 10.07 -12.41
C GLN G 88 15.61 9.93 -12.39
N ILE G 89 15.05 9.29 -13.40
CA ILE G 89 13.61 9.03 -13.44
C ILE G 89 13.19 8.16 -12.26
N ASN G 90 13.98 7.13 -11.95
CA ASN G 90 13.68 6.26 -10.83
C ASN G 90 13.58 7.05 -9.52
N LEU G 91 14.48 8.00 -9.32
CA LEU G 91 14.45 8.79 -8.10
C LEU G 91 13.23 9.73 -8.06
N GLU G 92 12.85 10.30 -9.21
CA GLU G 92 11.64 11.10 -9.25
C GLU G 92 10.40 10.27 -8.95
N LEU G 93 10.37 9.02 -9.43
CA LEU G 93 9.21 8.18 -9.13
C LEU G 93 9.18 7.81 -7.66
N TRP G 94 10.34 7.49 -7.07
CA TRP G 94 10.40 7.32 -5.63
C TRP G 94 9.86 8.56 -4.91
N ASN G 95 10.28 9.75 -5.35
CA ASN G 95 9.81 10.96 -4.69
C ASN G 95 8.29 11.07 -4.75
N ALA G 96 7.71 10.92 -5.95
CA ALA G 96 6.27 11.03 -6.09
C ALA G 96 5.53 9.95 -5.31
N PHE G 97 6.06 8.72 -5.34
CA PHE G 97 5.43 7.62 -4.61
C PHE G 97 5.41 7.91 -3.11
N LEU G 98 6.54 8.36 -2.56
CA LEU G 98 6.63 8.62 -1.12
C LEU G 98 5.91 9.89 -0.70
N MET G 99 5.81 10.88 -1.59
CA MET G 99 4.96 12.03 -1.27
C MET G 99 3.51 11.61 -1.18
N ALA G 100 3.05 10.71 -2.05
CA ALA G 100 1.67 10.25 -1.99
C ALA G 100 1.43 9.21 -0.91
N ASN G 101 2.47 8.50 -0.48
CA ASN G 101 2.38 7.42 0.51
C ASN G 101 3.52 7.60 1.51
N PRO G 102 3.43 8.61 2.37
CA PRO G 102 4.59 8.95 3.24
C PRO G 102 4.90 7.89 4.27
N LEU G 103 6.16 7.89 4.71
CA LEU G 103 6.61 6.98 5.74
C LEU G 103 6.56 7.68 7.09
N PRO G 104 5.94 7.08 8.12
CA PRO G 104 5.95 7.72 9.44
C PRO G 104 7.35 8.00 9.96
N VAL G 105 8.27 7.06 9.77
CA VAL G 105 9.69 7.26 10.04
C VAL G 105 10.46 6.64 8.88
N THR G 106 11.64 7.19 8.61
CA THR G 106 12.50 6.73 7.52
C THR G 106 13.69 6.02 8.14
N VAL G 107 13.70 4.69 8.09
CA VAL G 107 14.74 3.88 8.71
C VAL G 107 15.73 3.46 7.63
N LEU G 108 16.95 3.99 7.72
CA LEU G 108 17.99 3.70 6.76
C LEU G 108 18.87 2.54 7.25
N THR G 109 19.69 1.99 6.35
CA THR G 109 20.37 0.74 6.67
C THR G 109 21.36 0.88 7.83
N ASP G 110 21.88 2.08 8.05
CA ASP G 110 22.78 2.26 9.20
C ASP G 110 22.03 2.18 10.53
N GLN G 111 20.74 2.53 10.56
CA GLN G 111 19.96 2.33 11.77
C GLN G 111 19.48 0.88 11.87
N HIS G 112 18.86 0.36 10.82
CA HIS G 112 18.41 -1.03 10.79
C HIS G 112 18.19 -1.45 9.34
N THR G 113 18.73 -2.60 8.96
CA THR G 113 18.57 -3.13 7.61
C THR G 113 17.39 -4.09 7.62
N SER G 114 16.41 -3.83 6.77
CA SER G 114 15.27 -4.73 6.63
C SER G 114 15.75 -6.14 6.30
N GLU G 115 15.09 -7.14 6.90
CA GLU G 115 15.46 -8.51 6.58
C GLU G 115 15.29 -8.80 5.08
N SER G 116 14.32 -8.14 4.42
CA SER G 116 14.16 -8.32 2.98
C SER G 116 15.38 -7.82 2.21
N VAL G 117 15.93 -6.69 2.63
CA VAL G 117 17.14 -6.16 2.00
C VAL G 117 18.34 -7.06 2.28
N SER G 118 18.50 -7.52 3.52
CA SER G 118 19.59 -8.43 3.86
C SER G 118 19.52 -9.70 3.02
N MET G 119 18.33 -10.28 2.91
CA MET G 119 18.17 -11.50 2.11
C MET G 119 18.48 -11.26 0.65
N ALA G 120 18.00 -10.14 0.10
CA ALA G 120 18.29 -9.84 -1.29
C ALA G 120 19.79 -9.63 -1.52
N LYS G 121 20.45 -8.89 -0.62
CA LYS G 121 21.90 -8.68 -0.74
C LYS G 121 22.67 -9.99 -0.68
N GLU G 122 22.27 -10.91 0.22
CA GLU G 122 22.93 -12.19 0.32
C GLU G 122 22.77 -13.01 -0.95
N LYS G 123 21.55 -13.05 -1.48
CA LYS G 123 21.30 -13.84 -2.68
C LYS G 123 22.11 -13.34 -3.85
N VAL G 124 22.13 -12.02 -4.06
CA VAL G 124 22.90 -11.47 -5.17
C VAL G 124 24.39 -11.67 -4.94
N SER G 125 24.85 -11.52 -3.69
CA SER G 125 26.27 -11.77 -3.39
C SER G 125 26.66 -13.21 -3.72
N ASN G 126 25.77 -14.17 -3.45
CA ASN G 126 26.07 -15.55 -3.80
CA ASN G 126 26.06 -15.56 -3.81
C ASN G 126 26.00 -15.78 -5.31
N ASP G 127 25.07 -15.12 -5.99
CA ASP G 127 25.02 -15.17 -7.46
C ASP G 127 26.36 -14.73 -8.05
N ILE G 128 26.88 -13.61 -7.58
CA ILE G 128 28.12 -13.06 -8.10
C ILE G 128 29.30 -13.97 -7.78
N ALA G 129 29.33 -14.53 -6.57
CA ALA G 129 30.45 -15.39 -6.18
C ALA G 129 30.47 -16.69 -6.97
N THR G 130 29.31 -17.26 -7.26
CA THR G 130 29.23 -18.52 -8.01
C THR G 130 29.41 -18.32 -9.51
N PHE G 131 29.56 -17.07 -9.97
CA PHE G 131 29.78 -16.76 -11.38
C PHE G 131 28.61 -17.21 -12.25
N GLU H 57 52.11 -0.49 -40.61
CA GLU H 57 53.10 -0.27 -39.55
C GLU H 57 52.49 0.45 -38.34
N GLN H 58 52.10 1.71 -38.53
CA GLN H 58 51.35 2.40 -37.47
C GLN H 58 50.10 1.62 -37.11
N ASP H 59 49.42 1.06 -38.11
CA ASP H 59 48.17 0.34 -37.86
C ASP H 59 48.41 -0.86 -36.95
N ALA H 60 49.55 -1.54 -37.11
CA ALA H 60 49.87 -2.67 -36.24
C ALA H 60 50.01 -2.24 -34.78
N LEU H 61 50.62 -1.06 -34.55
CA LEU H 61 50.74 -0.56 -33.19
C LEU H 61 49.38 -0.18 -32.62
N VAL H 62 48.54 0.49 -33.42
CA VAL H 62 47.21 0.89 -32.97
C VAL H 62 46.39 -0.32 -32.55
N GLU H 63 46.43 -1.39 -33.35
CA GLU H 63 45.70 -2.60 -33.00
C GLU H 63 46.25 -3.20 -31.71
N LYS H 64 47.57 -3.14 -31.51
CA LYS H 64 48.15 -3.67 -30.28
C LYS H 64 47.64 -2.91 -29.07
N ILE H 65 47.51 -1.59 -29.18
CA ILE H 65 47.04 -0.78 -28.07
C ILE H 65 45.61 -1.18 -27.69
N PHE H 66 44.74 -1.32 -28.70
CA PHE H 66 43.37 -1.69 -28.43
C PHE H 66 43.29 -3.08 -27.79
N GLN H 67 44.08 -4.03 -28.29
CA GLN H 67 44.06 -5.38 -27.74
C GLN H 67 44.50 -5.41 -26.27
N ARG H 68 45.44 -4.53 -25.89
CA ARG H 68 45.82 -4.44 -24.49
C ARG H 68 44.66 -3.93 -23.62
N PHE H 69 43.81 -3.07 -24.18
CA PHE H 69 42.67 -2.50 -23.46
C PHE H 69 41.40 -3.33 -23.56
N LYS H 70 41.34 -4.30 -24.50
CA LYS H 70 40.08 -4.95 -24.84
C LYS H 70 39.43 -5.60 -23.63
N LYS H 71 40.21 -6.34 -22.85
CA LYS H 71 39.61 -7.11 -21.77
C LYS H 71 39.00 -6.18 -20.72
N THR H 72 39.69 -5.07 -20.40
CA THR H 72 39.15 -4.10 -19.45
C THR H 72 37.89 -3.43 -19.98
N LEU H 73 37.89 -3.04 -21.26
CA LEU H 73 36.73 -2.39 -21.86
C LEU H 73 35.54 -3.34 -21.95
N ASP H 74 35.81 -4.63 -22.18
CA ASP H 74 34.74 -5.63 -22.21
C ASP H 74 34.03 -5.70 -20.87
N VAL H 75 34.79 -5.73 -19.77
CA VAL H 75 34.16 -5.79 -18.46
C VAL H 75 33.28 -4.57 -18.24
N ILE H 76 33.78 -3.38 -18.58
CA ILE H 76 32.99 -2.16 -18.40
C ILE H 76 31.73 -2.20 -19.26
N ARG H 77 31.89 -2.60 -20.53
CA ARG H 77 30.77 -2.62 -21.46
C ARG H 77 29.71 -3.61 -21.01
N VAL H 78 30.13 -4.80 -20.59
CA VAL H 78 29.19 -5.85 -20.18
C VAL H 78 28.43 -5.41 -18.93
N ARG H 79 29.13 -4.87 -17.94
CA ARG H 79 28.46 -4.44 -16.73
C ARG H 79 27.49 -3.30 -17.01
N ALA H 80 27.91 -2.34 -17.82
CA ALA H 80 27.04 -1.22 -18.17
C ALA H 80 25.82 -1.69 -18.96
N GLY H 81 25.99 -2.68 -19.83
CA GLY H 81 24.86 -3.21 -20.58
C GLY H 81 23.84 -3.88 -19.70
N HIS H 82 24.29 -4.70 -18.75
CA HIS H 82 23.34 -5.31 -17.82
C HIS H 82 22.69 -4.27 -16.93
N THR H 83 23.45 -3.26 -16.51
CA THR H 83 22.84 -2.21 -15.70
C THR H 83 21.78 -1.45 -16.48
N ASP H 84 22.07 -1.14 -17.75
CA ASP H 84 21.08 -0.45 -18.58
C ASP H 84 19.83 -1.29 -18.76
N LYS H 85 20.00 -2.59 -19.01
CA LYS H 85 18.85 -3.48 -19.14
C LYS H 85 18.02 -3.51 -17.86
N ASN H 86 18.68 -3.62 -16.70
CA ASN H 86 17.94 -3.66 -15.44
C ASN H 86 17.25 -2.34 -15.14
N ALA H 87 17.87 -1.21 -15.51
CA ALA H 87 17.19 0.07 -15.34
C ALA H 87 15.93 0.15 -16.19
N GLN H 88 15.96 -0.44 -17.39
CA GLN H 88 14.74 -0.46 -18.20
C GLN H 88 13.67 -1.34 -17.56
N ILE H 89 14.07 -2.49 -17.02
CA ILE H 89 13.11 -3.34 -16.33
C ILE H 89 12.52 -2.62 -15.13
N ASN H 90 13.38 -1.90 -14.39
CA ASN H 90 12.92 -1.15 -13.22
C ASN H 90 11.85 -0.13 -13.60
N LEU H 91 12.02 0.57 -14.71
CA LEU H 91 11.01 1.55 -15.12
C LEU H 91 9.72 0.87 -15.53
N GLU H 92 9.80 -0.30 -16.16
CA GLU H 92 8.57 -1.01 -16.52
C GLU H 92 7.81 -1.48 -15.28
N LEU H 93 8.53 -1.93 -14.25
CA LEU H 93 7.88 -2.33 -13.01
C LEU H 93 7.25 -1.15 -12.30
N TRP H 94 7.94 -0.01 -12.26
CA TRP H 94 7.30 1.22 -11.78
C TRP H 94 6.01 1.50 -12.54
N ASN H 95 6.05 1.39 -13.87
CA ASN H 95 4.84 1.68 -14.64
C ASN H 95 3.69 0.77 -14.24
N ALA H 96 3.96 -0.54 -14.20
CA ALA H 96 2.90 -1.48 -13.83
C ALA H 96 2.44 -1.25 -12.40
N PHE H 97 3.36 -0.98 -11.48
CA PHE H 97 3.00 -0.74 -10.10
C PHE H 97 2.11 0.50 -9.96
N LEU H 98 2.47 1.58 -10.66
CA LEU H 98 1.72 2.84 -10.55
C LEU H 98 0.40 2.79 -11.31
N MET H 99 0.31 1.99 -12.38
CA MET H 99 -0.99 1.78 -13.03
C MET H 99 -1.95 1.05 -12.09
N ALA H 100 -1.44 0.08 -11.33
CA ALA H 100 -2.27 -0.66 -10.39
C ALA H 100 -2.53 0.09 -9.09
N ASN H 101 -1.66 1.05 -8.75
CA ASN H 101 -1.74 1.81 -7.50
C ASN H 101 -1.48 3.27 -7.83
N PRO H 102 -2.41 3.93 -8.51
CA PRO H 102 -2.13 5.27 -9.04
C PRO H 102 -1.99 6.31 -7.94
N LEU H 103 -1.29 7.38 -8.28
CA LEU H 103 -1.07 8.50 -7.37
C LEU H 103 -2.08 9.60 -7.66
N PRO H 104 -2.81 10.11 -6.66
CA PRO H 104 -3.72 11.25 -6.91
C PRO H 104 -3.00 12.45 -7.51
N VAL H 105 -1.81 12.77 -7.02
CA VAL H 105 -0.96 13.78 -7.60
C VAL H 105 0.45 13.23 -7.65
N THR H 106 1.20 13.68 -8.65
CA THR H 106 2.59 13.26 -8.84
C THR H 106 3.48 14.45 -8.47
N VAL H 107 4.13 14.37 -7.31
CA VAL H 107 4.95 15.46 -6.80
C VAL H 107 6.40 15.13 -7.10
N LEU H 108 7.03 15.90 -7.99
CA LEU H 108 8.41 15.71 -8.38
C LEU H 108 9.34 16.57 -7.52
N THR H 109 10.65 16.28 -7.58
CA THR H 109 11.57 16.88 -6.61
C THR H 109 11.68 18.40 -6.77
N ASP H 110 11.45 18.93 -7.98
CA ASP H 110 11.49 20.38 -8.14
C ASP H 110 10.29 21.06 -7.46
N GLN H 111 9.16 20.36 -7.30
CA GLN H 111 8.06 20.91 -6.53
C GLN H 111 8.28 20.71 -5.03
N HIS H 112 8.58 19.49 -4.62
CA HIS H 112 8.87 19.20 -3.22
C HIS H 112 9.62 17.89 -3.12
N THR H 113 10.74 17.88 -2.40
CA THR H 113 11.53 16.68 -2.20
C THR H 113 11.09 16.02 -0.90
N SER H 114 10.67 14.76 -0.98
CA SER H 114 10.25 14.03 0.19
C SER H 114 11.37 14.01 1.23
N GLU H 115 11.01 14.17 2.50
CA GLU H 115 12.02 14.07 3.56
C GLU H 115 12.74 12.73 3.53
N SER H 116 12.04 11.66 3.13
CA SER H 116 12.69 10.36 3.01
C SER H 116 13.79 10.38 1.95
N VAL H 117 13.52 11.05 0.82
CA VAL H 117 14.52 11.16 -0.23
C VAL H 117 15.71 11.99 0.24
N SER H 118 15.44 13.11 0.93
CA SER H 118 16.52 13.95 1.45
C SER H 118 17.40 13.18 2.41
N MET H 119 16.78 12.44 3.34
CA MET H 119 17.55 11.65 4.30
C MET H 119 18.38 10.58 3.60
N ALA H 120 17.83 9.92 2.58
CA ALA H 120 18.57 8.90 1.85
C ALA H 120 19.75 9.50 1.10
N LYS H 121 19.53 10.65 0.46
CA LYS H 121 20.62 11.33 -0.26
C LYS H 121 21.77 11.69 0.70
N GLU H 122 21.44 12.23 1.88
CA GLU H 122 22.49 12.63 2.82
CA GLU H 122 22.47 12.63 2.83
C GLU H 122 23.26 11.43 3.33
N LYS H 123 22.57 10.35 3.69
CA LYS H 123 23.23 9.14 4.17
C LYS H 123 24.17 8.58 3.10
N VAL H 124 23.69 8.50 1.85
CA VAL H 124 24.52 7.97 0.78
C VAL H 124 25.72 8.89 0.52
N SER H 125 25.52 10.21 0.64
CA SER H 125 26.65 11.12 0.52
C SER H 125 27.72 10.80 1.56
N ASN H 126 27.31 10.52 2.80
CA ASN H 126 28.26 10.15 3.83
C ASN H 126 28.93 8.81 3.51
N ASP H 127 28.17 7.87 2.96
CA ASP H 127 28.73 6.58 2.56
C ASP H 127 29.81 6.75 1.51
N ILE H 128 29.52 7.50 0.44
CA ILE H 128 30.47 7.64 -0.65
C ILE H 128 31.74 8.33 -0.15
N ALA H 129 31.58 9.28 0.78
CA ALA H 129 32.74 9.98 1.35
C ALA H 129 33.63 9.04 2.17
N THR H 130 33.05 8.02 2.81
CA THR H 130 33.81 7.15 3.70
C THR H 130 34.12 5.77 3.10
N PHE H 131 33.40 5.35 2.08
CA PHE H 131 33.67 4.08 1.43
C PHE H 131 35.03 4.09 0.75
#